data_6F2G
#
_entry.id   6F2G
#
_cell.length_a   85.830
_cell.length_b   85.830
_cell.length_c   321.690
_cell.angle_alpha   90.00
_cell.angle_beta   90.00
_cell.angle_gamma   90.00
#
_symmetry.space_group_name_H-M   'P 41 21 2'
#
loop_
_entity.id
_entity.type
_entity.pdbx_description
1 polymer 'Putative amino acid/polyamine transport protein'
2 polymer 'Nanobody 74'
3 non-polymer 'ZINC ION'
#
loop_
_entity_poly.entity_id
_entity_poly.type
_entity_poly.pdbx_seq_one_letter_code
_entity_poly.pdbx_strand_id
1 'polypeptide(L)'
;MKEVSGITALTVVVGTVIGAGIFFKPTAVYGAAGAPGLGLLAWFVAGIITIAGGLTVAEIGTIYPQTGGMMIYLEKVYGR
WLGFLVGWAQMVIYYPANIAALAIIFATQFVNLFALSDSTIVPTAILTSIFLMGVNFLGTKYSGWIQTLATILKLIPLVV
IIVAGLLYPGGGVIRLVPFSVETHPVLTSFGSALIATLFAYDGWINVGTLAGEMKNPGKMLPKVIIGGLSIVMAVYLLTN
IAYLFVLDSSQLAGTDTPAALVASHLFEGIGSKLVTIGILISVFGGINGYIISGLRVPYALATQKMLPFSDWFARINPKT
NLPINGGLVMLGIAIVMILTGQFNQLTDLIVFVIWFFITLTFIAVIILRKTQPDIERPYRVPFYPVIPLIAIIGGLYIIF
NTLIVQPKNAFIGILLTLIGIPIYFYCKKKYGSPEGGGLEVLFQ
;
A
2 'polypeptide(L)'
;QVQLVESGGGVVQAGGSLRLSCAASGRTFSSRAMGWFRQAPGEGREFVATISWSGSYTEYADSVKGRVTISRDNAKNTVY
LQMNSLKPGDTAVYHCAAKNGGAASNYPNDYVYWGQGTQVTVSSHHHHHHEPEA
;
B
#
loop_
_chem_comp.id
_chem_comp.type
_chem_comp.name
_chem_comp.formula
ZN non-polymer 'ZINC ION' 'Zn 2'
#
# COMPACT_ATOMS: atom_id res chain seq x y z
N VAL A 4 11.88 -2.20 23.29
CA VAL A 4 10.89 -1.11 23.11
C VAL A 4 10.63 -0.90 21.64
N SER A 5 11.71 -0.59 20.93
CA SER A 5 11.74 -0.46 19.47
C SER A 5 10.94 -1.58 18.71
N GLY A 6 11.25 -2.83 19.06
CA GLY A 6 10.54 -4.00 18.49
C GLY A 6 9.02 -4.07 18.68
N ILE A 7 8.61 -3.83 19.92
CA ILE A 7 7.21 -3.87 20.27
C ILE A 7 6.54 -2.81 19.45
N THR A 8 7.11 -1.64 19.35
CA THR A 8 6.48 -0.58 18.57
C THR A 8 6.25 -0.98 17.13
N ALA A 9 7.26 -1.51 16.48
CA ALA A 9 7.07 -1.97 15.10
C ALA A 9 5.98 -3.07 15.05
N LEU A 10 6.10 -4.07 15.92
CA LEU A 10 5.09 -5.15 16.05
C LEU A 10 3.64 -4.64 15.89
N THR A 11 3.39 -3.49 16.49
CA THR A 11 2.09 -2.81 16.47
C THR A 11 1.69 -2.39 15.12
N VAL A 12 2.69 -1.93 14.39
CA VAL A 12 2.50 -1.49 13.06
C VAL A 12 2.08 -2.66 12.17
N VAL A 13 2.72 -3.80 12.37
CA VAL A 13 2.40 -4.96 11.58
C VAL A 13 0.93 -5.36 11.87
N VAL A 14 0.61 -5.46 13.16
CA VAL A 14 -0.70 -5.90 13.56
C VAL A 14 -1.74 -4.94 13.06
N GLY A 15 -1.36 -3.68 13.11
CA GLY A 15 -2.23 -2.58 12.81
C GLY A 15 -2.56 -2.55 11.36
N THR A 16 -1.53 -2.52 10.51
CA THR A 16 -1.71 -2.29 9.11
C THR A 16 -2.38 -3.49 8.51
N VAL A 17 -2.13 -4.68 9.06
CA VAL A 17 -2.75 -5.85 8.43
C VAL A 17 -4.24 -5.96 8.73
N ILE A 18 -4.59 -5.76 10.01
CA ILE A 18 -5.99 -5.81 10.44
C ILE A 18 -6.82 -4.72 9.71
N GLY A 19 -7.81 -5.25 8.97
CA GLY A 19 -8.70 -4.44 8.19
C GLY A 19 -10.12 -4.80 8.48
N ALA A 20 -10.94 -4.48 7.49
CA ALA A 20 -12.38 -4.63 7.55
C ALA A 20 -12.78 -6.00 7.01
N GLY A 21 -11.78 -6.75 6.52
CA GLY A 21 -11.99 -8.07 5.99
C GLY A 21 -12.73 -9.03 6.85
N ILE A 22 -12.24 -9.27 8.07
CA ILE A 22 -12.92 -10.24 9.04
C ILE A 22 -14.41 -9.94 9.19
N PHE A 23 -14.79 -8.67 9.11
CA PHE A 23 -16.16 -8.26 9.36
C PHE A 23 -17.16 -8.55 8.24
N PHE A 24 -16.60 -8.77 7.02
CA PHE A 24 -17.39 -8.99 5.79
C PHE A 24 -17.06 -10.24 4.91
N LYS A 25 -15.81 -10.68 4.94
CA LYS A 25 -15.38 -11.72 4.03
C LYS A 25 -15.91 -13.11 4.35
N PRO A 26 -16.16 -13.48 5.66
CA PRO A 26 -16.76 -14.82 5.95
C PRO A 26 -17.91 -15.25 5.03
N THR A 27 -18.72 -14.29 4.56
CA THR A 27 -19.74 -14.52 3.54
C THR A 27 -19.27 -15.27 2.26
N ALA A 28 -18.14 -14.83 1.71
CA ALA A 28 -17.55 -15.51 0.56
C ALA A 28 -16.77 -16.75 0.98
N VAL A 29 -16.25 -16.73 2.21
CA VAL A 29 -15.35 -17.79 2.70
C VAL A 29 -16.13 -19.03 2.88
N TYR A 30 -17.18 -18.95 3.71
CA TYR A 30 -18.09 -20.10 4.00
C TYR A 30 -19.12 -20.30 2.89
N GLY A 31 -19.33 -19.28 2.06
CA GLY A 31 -20.21 -19.36 0.92
C GLY A 31 -19.65 -20.21 -0.18
N ALA A 32 -18.34 -20.23 -0.27
CA ALA A 32 -17.60 -21.06 -1.21
C ALA A 32 -17.20 -22.40 -0.59
N ALA A 33 -16.74 -22.39 0.67
CA ALA A 33 -16.37 -23.61 1.40
C ALA A 33 -17.56 -24.55 1.72
N GLY A 34 -18.72 -23.97 2.07
CA GLY A 34 -19.94 -24.73 2.41
C GLY A 34 -19.87 -25.60 3.63
N ALA A 35 -18.87 -25.36 4.47
CA ALA A 35 -18.59 -26.13 5.69
C ALA A 35 -17.69 -25.27 6.63
N PRO A 36 -18.00 -25.24 7.93
CA PRO A 36 -17.17 -24.48 8.86
C PRO A 36 -15.65 -24.85 8.87
N GLY A 37 -15.31 -26.12 8.73
CA GLY A 37 -13.90 -26.56 8.86
C GLY A 37 -12.97 -26.17 7.71
N LEU A 38 -13.48 -26.22 6.46
CA LEU A 38 -12.72 -25.84 5.23
C LEU A 38 -12.46 -24.39 5.27
N GLY A 39 -13.51 -23.63 5.55
CA GLY A 39 -13.39 -22.18 5.67
C GLY A 39 -12.33 -21.71 6.68
N LEU A 40 -12.34 -22.34 7.85
CA LEU A 40 -11.46 -22.00 8.95
C LEU A 40 -9.99 -22.33 8.62
N LEU A 41 -9.75 -23.35 7.80
CA LEU A 41 -8.39 -23.62 7.32
C LEU A 41 -7.92 -22.57 6.30
N ALA A 42 -8.81 -22.06 5.44
CA ALA A 42 -8.43 -20.97 4.48
C ALA A 42 -7.89 -19.70 5.19
N TRP A 43 -8.39 -19.45 6.40
CA TRP A 43 -7.92 -18.35 7.26
C TRP A 43 -6.51 -18.64 7.80
N PHE A 44 -6.23 -19.91 8.13
CA PHE A 44 -4.88 -20.35 8.51
C PHE A 44 -3.86 -20.36 7.35
N VAL A 45 -4.22 -20.91 6.20
CA VAL A 45 -3.31 -21.02 5.05
C VAL A 45 -2.91 -19.65 4.50
N ALA A 46 -3.90 -18.78 4.34
CA ALA A 46 -3.66 -17.38 3.96
C ALA A 46 -2.63 -16.69 4.87
N GLY A 47 -2.75 -16.90 6.18
CA GLY A 47 -1.83 -16.37 7.16
C GLY A 47 -0.43 -16.94 7.02
N ILE A 48 -0.35 -18.23 6.72
CA ILE A 48 0.95 -18.86 6.52
C ILE A 48 1.61 -18.36 5.21
N ILE A 49 0.74 -18.17 4.21
CA ILE A 49 1.12 -17.69 2.87
C ILE A 49 1.68 -16.28 2.96
N THR A 50 1.08 -15.47 3.82
CA THR A 50 1.53 -14.10 3.99
C THR A 50 2.75 -13.96 4.96
N ILE A 51 2.96 -14.87 5.90
CA ILE A 51 4.18 -14.84 6.70
C ILE A 51 5.32 -15.20 5.76
N ALA A 52 5.08 -16.21 4.93
CA ALA A 52 6.05 -16.61 3.91
C ALA A 52 6.31 -15.48 2.91
N GLY A 53 5.24 -14.86 2.38
CA GLY A 53 5.35 -13.73 1.45
C GLY A 53 6.06 -12.53 2.04
N GLY A 54 5.83 -12.29 3.32
CA GLY A 54 6.38 -11.20 4.10
C GLY A 54 7.87 -11.30 4.25
N LEU A 55 8.35 -12.44 4.74
CA LEU A 55 9.80 -12.61 4.99
C LEU A 55 10.65 -12.62 3.74
N THR A 56 10.10 -13.17 2.65
CA THR A 56 10.77 -13.12 1.33
C THR A 56 10.83 -11.67 0.73
N VAL A 57 9.73 -10.96 0.76
CA VAL A 57 9.74 -9.57 0.29
C VAL A 57 10.63 -8.59 1.10
N ALA A 58 10.84 -8.84 2.39
CA ALA A 58 11.71 -8.01 3.19
C ALA A 58 13.14 -8.05 2.72
N GLU A 59 13.55 -9.09 2.02
CA GLU A 59 14.88 -9.10 1.51
C GLU A 59 15.09 -8.06 0.39
N ILE A 60 14.14 -7.99 -0.53
CA ILE A 60 14.30 -7.11 -1.67
C ILE A 60 14.01 -5.73 -1.20
N GLY A 61 13.18 -5.64 -0.16
CA GLY A 61 12.92 -4.37 0.50
C GLY A 61 14.13 -3.75 1.13
N THR A 62 15.06 -4.59 1.59
CA THR A 62 16.28 -4.16 2.19
C THR A 62 17.40 -3.97 1.21
N ILE A 63 17.31 -4.62 0.07
CA ILE A 63 18.28 -4.39 -1.02
C ILE A 63 18.05 -2.99 -1.63
N TYR A 64 16.77 -2.61 -1.76
CA TYR A 64 16.29 -1.28 -2.24
C TYR A 64 15.53 -0.51 -1.14
N PRO A 65 16.26 0.10 -0.19
CA PRO A 65 15.56 0.86 0.83
C PRO A 65 14.77 2.05 0.28
N GLN A 66 13.51 1.82 -0.08
CA GLN A 66 12.68 2.93 -0.50
C GLN A 66 11.20 2.69 -0.34
N THR A 67 10.49 3.82 -0.25
CA THR A 67 9.06 3.90 0.08
C THR A 67 8.13 3.69 -1.10
N GLY A 68 8.54 2.89 -2.08
CA GLY A 68 7.85 2.85 -3.36
C GLY A 68 7.43 1.45 -3.48
N GLY A 69 8.33 0.61 -3.94
CA GLY A 69 8.22 -0.88 -3.79
C GLY A 69 7.42 -1.44 -4.94
N MET A 70 7.84 -2.61 -5.40
CA MET A 70 7.22 -3.33 -6.53
C MET A 70 7.28 -2.52 -7.87
N MET A 71 7.22 -1.20 -7.75
CA MET A 71 7.45 -0.31 -8.85
C MET A 71 8.94 -0.24 -9.06
N ILE A 72 9.68 -0.35 -7.96
CA ILE A 72 11.12 -0.28 -7.97
C ILE A 72 11.70 -1.70 -7.70
N TYR A 73 10.97 -2.60 -7.03
CA TYR A 73 11.52 -3.95 -6.82
C TYR A 73 11.58 -4.67 -8.15
N LEU A 74 10.51 -4.49 -8.94
CA LEU A 74 10.39 -5.11 -10.27
C LEU A 74 11.09 -4.38 -11.37
N GLU A 75 11.27 -3.09 -11.27
CA GLU A 75 12.08 -2.40 -12.32
C GLU A 75 13.52 -2.83 -12.23
N LYS A 76 13.98 -2.98 -10.98
CA LYS A 76 15.34 -3.33 -10.70
C LYS A 76 15.68 -4.79 -11.04
N VAL A 77 14.72 -5.69 -11.29
CA VAL A 77 15.06 -7.06 -11.76
C VAL A 77 14.49 -7.36 -13.12
N TYR A 78 13.23 -6.99 -13.39
CA TYR A 78 12.60 -7.26 -14.69
C TYR A 78 12.72 -6.13 -15.77
N GLY A 79 12.77 -4.87 -15.36
CA GLY A 79 12.97 -3.76 -16.30
C GLY A 79 11.91 -2.69 -16.14
N ARG A 80 12.18 -1.50 -16.71
CA ARG A 80 11.23 -0.35 -16.69
C ARG A 80 9.79 -0.76 -17.04
N TRP A 81 9.61 -1.66 -18.00
CA TRP A 81 8.26 -2.12 -18.37
C TRP A 81 7.48 -2.78 -17.17
N LEU A 82 8.10 -3.72 -16.43
CA LEU A 82 7.40 -4.45 -15.33
C LEU A 82 7.23 -3.56 -14.13
N GLY A 83 8.22 -2.71 -13.91
CA GLY A 83 8.14 -1.70 -12.90
C GLY A 83 6.94 -0.81 -13.16
N PHE A 84 6.68 -0.47 -14.44
CA PHE A 84 5.56 0.39 -14.83
C PHE A 84 4.24 -0.32 -14.67
N LEU A 85 4.14 -1.55 -15.17
CA LEU A 85 2.87 -2.30 -15.14
C LEU A 85 2.26 -2.36 -13.78
N VAL A 86 3.08 -2.54 -12.75
CA VAL A 86 2.57 -2.67 -11.38
C VAL A 86 1.91 -1.34 -10.97
N GLY A 87 2.56 -0.24 -11.31
CA GLY A 87 1.95 1.08 -11.11
C GLY A 87 0.60 1.28 -11.80
N TRP A 88 0.52 0.83 -13.06
CA TRP A 88 -0.69 0.98 -13.88
C TRP A 88 -1.79 0.15 -13.26
N ALA A 89 -1.41 -1.03 -12.79
CA ALA A 89 -2.31 -1.95 -12.11
C ALA A 89 -2.78 -1.40 -10.75
N GLN A 90 -1.86 -0.75 -10.04
CA GLN A 90 -2.20 -0.19 -8.77
C GLN A 90 -3.09 1.02 -8.94
N MET A 91 -2.86 1.80 -9.99
CA MET A 91 -3.59 3.06 -10.21
C MET A 91 -4.98 2.83 -10.78
N VAL A 92 -5.17 1.77 -11.57
CA VAL A 92 -6.44 1.52 -12.29
C VAL A 92 -7.31 0.41 -11.67
N ILE A 93 -6.64 -0.60 -11.13
CA ILE A 93 -7.32 -1.74 -10.56
C ILE A 93 -7.22 -1.75 -9.03
N TYR A 94 -6.03 -1.92 -8.48
CA TYR A 94 -5.91 -2.18 -7.05
C TYR A 94 -6.42 -1.05 -6.15
N TYR A 95 -5.92 0.18 -6.28
CA TYR A 95 -6.42 1.25 -5.36
C TYR A 95 -7.92 1.56 -5.62
N PRO A 96 -8.36 1.70 -6.89
CA PRO A 96 -9.75 2.06 -7.10
C PRO A 96 -10.74 1.01 -6.64
N ALA A 97 -10.49 -0.26 -6.95
CA ALA A 97 -11.40 -1.37 -6.53
C ALA A 97 -11.44 -1.58 -4.98
N ASN A 98 -10.34 -1.25 -4.28
CA ASN A 98 -10.25 -1.34 -2.81
C ASN A 98 -11.10 -0.29 -2.20
N ILE A 99 -11.00 0.92 -2.79
CA ILE A 99 -11.89 2.08 -2.47
C ILE A 99 -13.37 1.70 -2.73
N ALA A 100 -13.61 1.06 -3.88
CA ALA A 100 -14.93 0.76 -4.41
C ALA A 100 -15.63 -0.32 -3.59
N ALA A 101 -14.93 -1.44 -3.39
CA ALA A 101 -15.41 -2.56 -2.62
C ALA A 101 -15.76 -2.16 -1.20
N LEU A 102 -14.87 -1.41 -0.58
CA LEU A 102 -15.07 -1.08 0.83
C LEU A 102 -16.12 -0.03 0.98
N ALA A 103 -16.27 0.85 -0.01
CA ALA A 103 -17.36 1.84 -0.01
C ALA A 103 -18.77 1.19 -0.13
N ILE A 104 -18.88 0.13 -0.92
CA ILE A 104 -20.10 -0.64 -1.09
C ILE A 104 -20.39 -1.37 0.19
N ILE A 105 -19.41 -2.11 0.70
CA ILE A 105 -19.58 -2.85 1.94
C ILE A 105 -19.84 -1.96 3.14
N PHE A 106 -19.31 -0.74 3.11
CA PHE A 106 -19.59 0.27 4.12
C PHE A 106 -21.09 0.63 4.09
N ALA A 107 -21.56 0.94 2.89
CA ALA A 107 -22.94 1.32 2.65
C ALA A 107 -23.93 0.17 2.86
N THR A 108 -23.46 -1.03 2.52
CA THR A 108 -24.18 -2.25 2.78
C THR A 108 -24.38 -2.34 4.28
N GLN A 109 -23.31 -2.18 5.06
CA GLN A 109 -23.40 -2.20 6.53
C GLN A 109 -24.17 -1.01 7.12
N PHE A 110 -24.07 0.14 6.48
CA PHE A 110 -24.85 1.32 6.86
C PHE A 110 -26.37 1.11 6.73
N VAL A 111 -26.75 0.48 5.62
CA VAL A 111 -28.15 0.12 5.34
C VAL A 111 -28.66 -1.02 6.26
N ASN A 112 -27.75 -1.92 6.63
CA ASN A 112 -28.08 -3.01 7.52
C ASN A 112 -28.38 -2.49 8.94
N LEU A 113 -27.59 -1.52 9.43
CA LEU A 113 -27.67 -1.04 10.81
C LEU A 113 -28.85 -0.11 10.89
N PHE A 114 -28.86 0.98 10.13
CA PHE A 114 -30.02 1.89 10.06
C PHE A 114 -30.89 1.28 9.01
N ALA A 115 -31.91 0.53 9.42
CA ALA A 115 -32.64 -0.34 8.49
C ALA A 115 -33.24 0.48 7.35
N LEU A 116 -32.56 0.44 6.21
CA LEU A 116 -32.90 1.24 5.03
C LEU A 116 -32.94 0.35 3.79
N SER A 117 -33.37 0.95 2.67
CA SER A 117 -33.57 0.23 1.43
C SER A 117 -32.28 -0.33 0.88
N ASP A 118 -32.41 -1.45 0.16
CA ASP A 118 -31.27 -2.13 -0.41
C ASP A 118 -30.92 -1.58 -1.82
N SER A 119 -31.59 -0.48 -2.21
CA SER A 119 -31.22 0.34 -3.36
C SER A 119 -30.27 1.42 -3.01
N THR A 120 -30.31 1.93 -1.76
CA THR A 120 -29.42 3.04 -1.25
C THR A 120 -28.01 2.58 -0.81
N ILE A 121 -27.58 1.40 -1.26
CA ILE A 121 -26.21 0.89 -1.14
C ILE A 121 -25.28 1.72 -2.03
N VAL A 122 -25.64 1.81 -3.30
CA VAL A 122 -24.78 2.40 -4.31
C VAL A 122 -24.67 3.94 -4.20
N PRO A 123 -25.77 4.68 -4.00
CA PRO A 123 -25.61 6.13 -3.75
C PRO A 123 -24.73 6.44 -2.53
N THR A 124 -24.85 5.64 -1.48
CA THR A 124 -24.04 5.81 -0.29
C THR A 124 -22.56 5.44 -0.51
N ALA A 125 -22.33 4.43 -1.34
CA ALA A 125 -20.97 4.06 -1.75
C ALA A 125 -20.23 5.11 -2.60
N ILE A 126 -20.99 5.85 -3.38
CA ILE A 126 -20.47 6.94 -4.19
C ILE A 126 -20.13 8.04 -3.20
N LEU A 127 -21.13 8.49 -2.44
CA LEU A 127 -20.94 9.63 -1.55
C LEU A 127 -19.85 9.43 -0.52
N THR A 128 -19.70 8.22 0.03
CA THR A 128 -18.63 7.97 1.01
C THR A 128 -17.24 8.10 0.35
N SER A 129 -17.04 7.43 -0.77
CA SER A 129 -15.81 7.60 -1.57
C SER A 129 -15.54 9.05 -2.09
N ILE A 130 -16.59 9.80 -2.45
CA ILE A 130 -16.50 11.23 -2.85
C ILE A 130 -16.15 12.06 -1.63
N PHE A 131 -16.79 11.81 -0.51
CA PHE A 131 -16.49 12.51 0.73
C PHE A 131 -15.05 12.24 1.20
N LEU A 132 -14.63 10.99 1.23
CA LEU A 132 -13.26 10.69 1.64
C LEU A 132 -12.14 11.22 0.69
N MET A 133 -12.46 11.38 -0.59
CA MET A 133 -11.48 11.93 -1.51
C MET A 133 -11.31 13.42 -1.17
N GLY A 134 -12.43 14.12 -0.98
CA GLY A 134 -12.44 15.52 -0.51
C GLY A 134 -11.73 15.76 0.81
N VAL A 135 -12.00 14.94 1.81
CA VAL A 135 -11.37 15.13 3.11
C VAL A 135 -9.84 14.93 3.04
N ASN A 136 -9.42 13.96 2.23
CA ASN A 136 -8.00 13.79 1.90
C ASN A 136 -7.34 15.00 1.18
N PHE A 137 -8.08 15.73 0.35
CA PHE A 137 -7.53 16.89 -0.37
C PHE A 137 -7.46 18.09 0.48
N LEU A 138 -8.15 18.07 1.63
CA LEU A 138 -7.99 19.10 2.67
C LEU A 138 -6.64 19.01 3.38
N GLY A 139 -6.04 17.82 3.40
CA GLY A 139 -4.79 17.60 4.06
C GLY A 139 -4.76 16.36 4.90
N THR A 140 -3.64 16.26 5.58
CA THR A 140 -3.34 15.15 6.46
C THR A 140 -3.81 15.45 7.90
N LYS A 141 -4.36 16.66 8.13
CA LYS A 141 -4.94 17.04 9.41
C LYS A 141 -6.13 16.12 9.74
N TYR A 142 -7.00 16.01 8.76
CA TYR A 142 -8.21 15.22 8.89
C TYR A 142 -8.09 13.74 8.55
N SER A 143 -7.33 13.42 7.50
CA SER A 143 -7.05 12.02 7.14
C SER A 143 -6.37 11.32 8.30
N GLY A 144 -5.44 11.98 8.99
CA GLY A 144 -4.62 11.35 10.03
C GLY A 144 -5.37 11.25 11.32
N TRP A 145 -6.30 12.18 11.48
CA TRP A 145 -7.32 12.16 12.54
C TRP A 145 -8.25 10.94 12.46
N ILE A 146 -8.60 10.57 11.23
CA ILE A 146 -9.44 9.45 10.99
C ILE A 146 -8.63 8.22 11.25
N GLN A 147 -7.39 8.19 10.80
CA GLN A 147 -6.60 6.99 10.92
C GLN A 147 -6.30 6.57 12.30
N THR A 148 -5.93 7.52 13.16
CA THR A 148 -5.64 7.17 14.57
C THR A 148 -6.88 6.75 15.32
N LEU A 149 -7.96 7.44 15.07
CA LEU A 149 -9.27 6.98 15.55
C LEU A 149 -9.69 5.59 15.01
N ALA A 150 -9.48 5.31 13.73
CA ALA A 150 -9.79 3.99 13.12
C ALA A 150 -8.96 2.85 13.71
N THR A 151 -7.65 3.09 13.90
CA THR A 151 -6.72 2.04 14.36
C THR A 151 -6.96 1.72 15.80
N ILE A 152 -7.37 2.70 16.59
CA ILE A 152 -7.74 2.45 18.01
C ILE A 152 -9.04 1.63 18.15
N LEU A 153 -10.08 2.16 17.55
CA LEU A 153 -11.39 1.55 17.63
C LEU A 153 -11.62 0.29 16.80
N LYS A 154 -10.80 -0.01 15.78
CA LYS A 154 -11.05 -1.25 15.00
C LYS A 154 -10.81 -2.54 15.79
N LEU A 155 -10.05 -2.47 16.91
CA LEU A 155 -9.72 -3.67 17.78
C LEU A 155 -10.71 -4.03 18.90
N ILE A 156 -11.56 -3.05 19.23
CA ILE A 156 -12.58 -3.20 20.29
C ILE A 156 -13.66 -4.19 19.86
N PRO A 157 -14.22 -4.12 18.63
CA PRO A 157 -15.22 -5.13 18.24
C PRO A 157 -14.68 -6.51 18.21
N LEU A 158 -13.43 -6.67 17.79
CA LEU A 158 -12.83 -7.99 17.79
C LEU A 158 -12.71 -8.65 19.18
N VAL A 159 -12.08 -7.98 20.15
CA VAL A 159 -11.94 -8.51 21.52
C VAL A 159 -13.33 -8.82 22.12
N VAL A 160 -14.25 -7.92 21.84
CA VAL A 160 -15.56 -8.02 22.40
C VAL A 160 -16.34 -9.18 21.70
N ILE A 161 -16.05 -9.46 20.44
CA ILE A 161 -16.68 -10.59 19.73
C ILE A 161 -16.02 -11.91 20.17
N ILE A 162 -14.70 -11.93 20.31
CA ILE A 162 -14.02 -13.16 20.72
C ILE A 162 -14.47 -13.67 22.11
N VAL A 163 -14.48 -12.79 23.11
CA VAL A 163 -14.91 -13.15 24.48
C VAL A 163 -16.35 -13.71 24.51
N ALA A 164 -17.26 -12.96 23.90
CA ALA A 164 -18.67 -13.27 23.89
C ALA A 164 -18.96 -14.45 23.00
N GLY A 165 -18.38 -14.47 21.81
CA GLY A 165 -18.61 -15.53 20.85
C GLY A 165 -18.15 -16.89 21.32
N LEU A 166 -16.92 -16.92 21.84
CA LEU A 166 -16.33 -18.14 22.39
C LEU A 166 -17.04 -18.59 23.62
N LEU A 167 -17.83 -17.73 24.27
CA LEU A 167 -18.73 -18.13 25.40
C LEU A 167 -20.22 -18.31 25.03
N TYR A 168 -20.56 -18.45 23.74
CA TYR A 168 -21.97 -18.50 23.35
C TYR A 168 -22.53 -19.82 23.82
N PRO A 169 -23.79 -19.81 24.20
CA PRO A 169 -24.20 -21.05 24.81
C PRO A 169 -24.22 -22.27 23.88
N GLY A 170 -24.54 -22.14 22.60
CA GLY A 170 -24.60 -23.36 21.77
C GLY A 170 -23.23 -23.43 21.17
N GLY A 171 -22.21 -23.83 21.95
CA GLY A 171 -20.78 -23.48 21.62
C GLY A 171 -19.79 -24.53 22.04
N GLY A 172 -18.83 -24.81 21.18
CA GLY A 172 -17.90 -25.94 21.36
C GLY A 172 -17.38 -26.44 20.00
N VAL A 173 -16.49 -27.43 20.06
CA VAL A 173 -15.87 -28.00 18.84
C VAL A 173 -16.93 -28.37 17.77
N ILE A 174 -18.05 -28.96 18.24
CA ILE A 174 -19.22 -29.35 17.42
C ILE A 174 -19.67 -28.21 16.50
N ARG A 175 -19.51 -26.96 16.89
CA ARG A 175 -19.90 -25.85 16.01
C ARG A 175 -18.97 -25.64 14.77
N LEU A 176 -18.02 -26.55 14.55
CA LEU A 176 -17.14 -26.52 13.39
C LEU A 176 -16.98 -27.90 12.74
N VAL A 177 -17.97 -28.80 12.96
CA VAL A 177 -17.79 -30.24 12.61
C VAL A 177 -17.81 -30.62 11.13
N PRO A 178 -18.76 -30.08 10.33
CA PRO A 178 -18.55 -30.40 8.89
C PRO A 178 -17.20 -29.70 8.39
N PHE A 179 -16.19 -30.53 8.07
CA PHE A 179 -14.90 -30.02 7.62
C PHE A 179 -14.94 -29.88 6.07
N SER A 180 -15.25 -30.92 5.34
CA SER A 180 -15.43 -30.79 3.89
C SER A 180 -16.73 -31.47 3.44
N VAL A 181 -17.66 -30.63 3.04
CA VAL A 181 -18.95 -31.05 2.52
C VAL A 181 -18.83 -31.32 0.98
N GLU A 182 -19.39 -32.42 0.50
CA GLU A 182 -19.25 -32.82 -0.92
C GLU A 182 -20.06 -31.93 -1.88
N THR A 183 -21.08 -31.23 -1.38
CA THR A 183 -21.83 -30.26 -2.18
C THR A 183 -20.97 -29.05 -2.65
N HIS A 184 -19.93 -28.73 -1.89
CA HIS A 184 -18.94 -27.74 -2.23
C HIS A 184 -17.61 -28.48 -2.30
N PRO A 185 -17.24 -28.96 -3.52
CA PRO A 185 -16.02 -29.77 -3.65
C PRO A 185 -14.69 -29.07 -3.19
N VAL A 186 -13.90 -29.80 -2.40
CA VAL A 186 -12.71 -29.32 -1.63
C VAL A 186 -11.75 -28.39 -2.39
N LEU A 187 -11.14 -28.91 -3.45
CA LEU A 187 -10.09 -28.18 -4.18
C LEU A 187 -10.63 -26.97 -4.99
N THR A 188 -11.78 -27.15 -5.67
CA THR A 188 -12.45 -26.07 -6.45
C THR A 188 -12.93 -24.90 -5.56
N SER A 189 -13.49 -25.27 -4.40
CA SER A 189 -13.99 -24.33 -3.38
C SER A 189 -12.91 -23.69 -2.52
N PHE A 190 -11.82 -24.41 -2.22
CA PHE A 190 -10.74 -23.85 -1.37
C PHE A 190 -10.06 -22.63 -1.99
N GLY A 191 -9.86 -22.66 -3.31
CA GLY A 191 -9.34 -21.52 -4.05
C GLY A 191 -10.28 -20.30 -4.15
N SER A 192 -11.60 -20.51 -4.10
CA SER A 192 -12.59 -19.42 -4.04
C SER A 192 -12.69 -18.84 -2.61
N ALA A 193 -12.36 -19.67 -1.61
CA ALA A 193 -12.26 -19.32 -0.20
C ALA A 193 -10.94 -18.59 0.18
N LEU A 194 -9.80 -19.06 -0.34
CA LEU A 194 -8.49 -18.46 -0.01
C LEU A 194 -8.31 -17.05 -0.57
N ILE A 195 -8.84 -16.83 -1.76
CA ILE A 195 -8.87 -15.53 -2.45
C ILE A 195 -9.76 -14.49 -1.67
N ALA A 196 -10.62 -15.02 -0.79
CA ALA A 196 -11.50 -14.22 0.03
C ALA A 196 -10.93 -13.97 1.43
N THR A 197 -10.22 -14.96 2.00
CA THR A 197 -9.52 -14.76 3.28
C THR A 197 -8.32 -13.85 3.11
N LEU A 198 -7.72 -13.86 1.92
CA LEU A 198 -6.51 -13.07 1.65
C LEU A 198 -6.79 -11.58 1.64
N PHE A 199 -7.97 -11.20 1.20
CA PHE A 199 -8.34 -9.81 1.19
C PHE A 199 -8.36 -9.25 2.60
N ALA A 200 -8.60 -10.07 3.61
CA ALA A 200 -8.56 -9.59 5.00
C ALA A 200 -7.14 -9.40 5.52
N TYR A 201 -6.19 -10.15 4.95
CA TYR A 201 -4.76 -10.01 5.23
C TYR A 201 -4.09 -8.96 4.34
N ASP A 202 -4.89 -8.19 3.61
CA ASP A 202 -4.36 -7.19 2.69
C ASP A 202 -3.61 -6.11 3.46
N GLY A 203 -2.50 -5.69 2.89
CA GLY A 203 -1.69 -4.71 3.51
C GLY A 203 -0.38 -5.21 4.09
N TRP A 204 -0.25 -6.54 4.16
CA TRP A 204 1.00 -7.19 4.55
C TRP A 204 2.14 -6.84 3.59
N ILE A 205 1.77 -6.43 2.36
CA ILE A 205 2.68 -6.11 1.22
C ILE A 205 3.72 -5.05 1.59
N ASN A 206 3.28 -4.05 2.34
CA ASN A 206 4.09 -2.96 2.95
C ASN A 206 5.18 -3.38 3.97
N VAL A 207 5.51 -4.65 4.00
CA VAL A 207 6.61 -5.14 4.76
C VAL A 207 7.91 -4.70 4.04
N GLY A 208 7.83 -4.50 2.72
CA GLY A 208 8.96 -4.02 1.95
C GLY A 208 9.41 -2.65 2.33
N THR A 209 8.43 -1.78 2.41
CA THR A 209 8.69 -0.38 2.75
C THR A 209 9.12 -0.27 4.21
N LEU A 210 8.67 -1.20 5.02
CA LEU A 210 9.05 -1.34 6.42
C LEU A 210 10.44 -1.80 6.62
N ALA A 211 10.84 -2.77 5.86
CA ALA A 211 12.15 -3.30 6.01
C ALA A 211 13.18 -2.33 5.46
N GLY A 212 12.78 -1.61 4.41
CA GLY A 212 13.69 -0.66 3.78
C GLY A 212 13.97 0.50 4.73
N GLU A 213 12.91 0.82 5.46
CA GLU A 213 12.91 1.94 6.36
C GLU A 213 13.77 1.68 7.63
N MET A 214 13.94 0.42 8.03
CA MET A 214 14.81 0.07 9.18
C MET A 214 16.28 0.26 8.86
N LYS A 215 17.01 0.94 9.74
CA LYS A 215 18.45 0.91 9.70
C LYS A 215 18.90 -0.31 10.52
N ASN A 216 19.88 -1.09 10.00
CA ASN A 216 20.42 -2.32 10.64
C ASN A 216 19.31 -3.23 11.17
N PRO A 217 18.46 -3.77 10.26
CA PRO A 217 17.29 -4.53 10.73
C PRO A 217 17.75 -5.89 11.30
N GLY A 218 18.04 -6.84 10.39
CA GLY A 218 18.60 -8.15 10.72
C GLY A 218 18.01 -8.85 11.94
N LYS A 219 18.68 -8.79 13.09
CA LYS A 219 18.23 -9.50 14.30
C LYS A 219 17.03 -8.76 14.77
N MET A 220 15.88 -9.42 14.75
CA MET A 220 14.63 -8.81 15.16
C MET A 220 13.69 -8.31 14.04
N LEU A 221 14.17 -7.91 12.86
CA LEU A 221 13.23 -7.65 11.77
C LEU A 221 12.41 -8.90 11.40
N PRO A 222 12.99 -10.12 11.35
CA PRO A 222 12.12 -11.25 11.03
C PRO A 222 11.15 -11.65 12.18
N LYS A 223 11.62 -11.48 13.43
CA LYS A 223 10.82 -11.69 14.64
C LYS A 223 9.52 -10.86 14.60
N VAL A 224 9.66 -9.61 14.17
CA VAL A 224 8.56 -8.67 14.06
C VAL A 224 7.59 -9.02 12.93
N ILE A 225 8.07 -9.60 11.81
CA ILE A 225 7.24 -10.00 10.65
C ILE A 225 6.44 -11.28 11.03
N ILE A 226 7.13 -12.23 11.65
CA ILE A 226 6.54 -13.52 12.02
C ILE A 226 5.57 -13.30 13.17
N GLY A 227 6.09 -12.71 14.25
CA GLY A 227 5.33 -12.43 15.46
C GLY A 227 4.06 -11.64 15.23
N GLY A 228 4.18 -10.59 14.43
CA GLY A 228 3.06 -9.72 14.14
C GLY A 228 1.98 -10.36 13.29
N LEU A 229 2.37 -10.97 12.18
CA LEU A 229 1.39 -11.58 11.31
C LEU A 229 0.73 -12.81 11.90
N SER A 230 1.44 -13.55 12.75
CA SER A 230 0.83 -14.67 13.48
C SER A 230 -0.13 -14.20 14.64
N ILE A 231 0.11 -13.03 15.21
CA ILE A 231 -0.87 -12.38 16.07
C ILE A 231 -2.17 -12.13 15.31
N VAL A 232 -2.06 -11.54 14.12
CA VAL A 232 -3.23 -11.34 13.21
C VAL A 232 -3.96 -12.63 12.78
N MET A 233 -3.15 -13.59 12.39
CA MET A 233 -3.60 -14.90 12.05
C MET A 233 -4.42 -15.50 13.22
N ALA A 234 -3.86 -15.43 14.42
CA ALA A 234 -4.52 -15.94 15.65
C ALA A 234 -5.84 -15.23 15.94
N VAL A 235 -5.82 -13.92 15.79
CA VAL A 235 -7.00 -13.07 15.98
C VAL A 235 -8.08 -13.38 14.98
N TYR A 236 -7.70 -13.52 13.70
CA TYR A 236 -8.64 -13.94 12.62
C TYR A 236 -9.26 -15.37 12.79
N LEU A 237 -8.48 -16.34 13.33
CA LEU A 237 -8.99 -17.69 13.65
C LEU A 237 -9.93 -17.65 14.86
N LEU A 238 -9.55 -16.88 15.86
CA LEU A 238 -10.37 -16.73 17.07
C LEU A 238 -11.74 -16.08 16.81
N THR A 239 -11.77 -15.00 16.03
CA THR A 239 -13.06 -14.37 15.70
C THR A 239 -13.94 -15.25 14.83
N ASN A 240 -13.35 -16.06 13.92
CA ASN A 240 -14.13 -17.04 13.11
C ASN A 240 -14.76 -18.18 13.95
N ILE A 241 -14.02 -18.71 14.91
CA ILE A 241 -14.59 -19.70 15.86
C ILE A 241 -15.75 -19.07 16.62
N ALA A 242 -15.55 -17.85 17.12
CA ALA A 242 -16.62 -17.03 17.70
C ALA A 242 -17.84 -16.84 16.78
N TYR A 243 -17.63 -16.61 15.49
CA TYR A 243 -18.72 -16.54 14.51
C TYR A 243 -19.42 -17.89 14.37
N LEU A 244 -18.64 -18.95 14.21
CA LEU A 244 -19.21 -20.28 14.02
C LEU A 244 -19.89 -20.91 15.26
N PHE A 245 -19.60 -20.31 16.42
CA PHE A 245 -20.27 -20.60 17.67
C PHE A 245 -21.67 -20.04 17.75
N VAL A 246 -21.86 -18.88 17.15
CA VAL A 246 -23.14 -18.21 17.08
C VAL A 246 -23.90 -18.63 15.84
N LEU A 247 -23.29 -18.54 14.66
CA LEU A 247 -23.92 -18.88 13.39
C LEU A 247 -23.23 -20.06 12.85
N ASP A 248 -23.45 -20.38 11.59
CA ASP A 248 -22.71 -21.43 10.93
C ASP A 248 -22.51 -21.21 9.43
N SER A 249 -21.85 -22.17 8.76
CA SER A 249 -21.52 -22.08 7.34
C SER A 249 -22.59 -21.46 6.42
N SER A 250 -23.78 -22.08 6.38
CA SER A 250 -24.91 -21.66 5.52
C SER A 250 -25.45 -20.33 5.98
N GLN A 251 -25.53 -20.15 7.31
CA GLN A 251 -25.98 -18.88 7.93
C GLN A 251 -25.01 -17.68 7.65
N LEU A 252 -23.69 -17.89 7.72
CA LEU A 252 -22.72 -16.80 7.50
C LEU A 252 -22.77 -16.33 6.06
N ALA A 253 -22.80 -17.29 5.12
CA ALA A 253 -22.97 -16.96 3.70
C ALA A 253 -24.31 -16.26 3.33
N GLY A 254 -25.34 -16.51 4.14
CA GLY A 254 -26.67 -15.90 4.03
C GLY A 254 -26.84 -14.38 4.17
N THR A 255 -25.89 -13.67 4.82
CA THR A 255 -25.87 -12.18 4.85
C THR A 255 -24.54 -11.68 4.36
N ASP A 256 -24.59 -10.59 3.61
CA ASP A 256 -23.40 -9.96 3.08
C ASP A 256 -22.65 -9.25 4.19
N THR A 257 -23.34 -9.09 5.35
CA THR A 257 -22.78 -8.58 6.60
C THR A 257 -22.75 -9.62 7.72
N PRO A 258 -21.79 -10.56 7.72
CA PRO A 258 -21.74 -11.67 8.70
C PRO A 258 -21.48 -11.29 10.16
N ALA A 259 -20.49 -10.46 10.41
CA ALA A 259 -20.14 -9.99 11.75
C ALA A 259 -21.24 -9.16 12.43
N ALA A 260 -22.04 -8.48 11.61
CA ALA A 260 -23.15 -7.64 12.11
C ALA A 260 -24.21 -8.45 12.83
N LEU A 261 -24.59 -9.57 12.19
CA LEU A 261 -25.56 -10.58 12.72
C LEU A 261 -25.12 -11.23 14.04
N VAL A 262 -23.83 -11.55 14.09
CA VAL A 262 -23.19 -12.18 15.24
C VAL A 262 -23.26 -11.18 16.39
N ALA A 263 -22.99 -9.91 16.13
CA ALA A 263 -23.10 -8.84 17.16
C ALA A 263 -24.50 -8.75 17.78
N SER A 264 -25.53 -8.83 16.94
CA SER A 264 -26.93 -8.70 17.38
C SER A 264 -27.45 -9.89 18.20
N HIS A 265 -26.77 -11.02 18.08
CA HIS A 265 -26.94 -12.18 18.93
C HIS A 265 -26.16 -12.13 20.24
N LEU A 266 -24.88 -11.79 20.15
CA LEU A 266 -24.01 -11.70 21.31
C LEU A 266 -24.47 -10.66 22.31
N PHE A 267 -24.99 -9.54 21.81
CA PHE A 267 -25.46 -8.40 22.65
C PHE A 267 -26.77 -7.90 22.14
N GLU A 268 -27.82 -8.12 22.88
CA GLU A 268 -29.13 -7.78 22.39
C GLU A 268 -29.43 -6.42 22.96
N GLY A 269 -29.30 -5.42 22.10
CA GLY A 269 -29.77 -4.10 22.37
C GLY A 269 -28.91 -3.09 21.65
N ILE A 270 -28.62 -2.00 22.35
CA ILE A 270 -27.67 -0.96 21.87
C ILE A 270 -26.20 -1.44 21.85
N GLY A 271 -25.90 -2.49 22.61
CA GLY A 271 -24.56 -3.11 22.61
C GLY A 271 -24.10 -3.56 21.25
N SER A 272 -25.00 -4.16 20.47
CA SER A 272 -24.75 -4.58 19.09
C SER A 272 -24.55 -3.40 18.18
N LYS A 273 -25.21 -2.28 18.49
CA LYS A 273 -25.05 -1.00 17.75
C LYS A 273 -23.61 -0.46 17.91
N LEU A 274 -23.15 -0.33 19.14
CA LEU A 274 -21.75 0.05 19.44
C LEU A 274 -20.64 -0.83 18.80
N VAL A 275 -20.94 -2.11 18.65
CA VAL A 275 -20.07 -3.03 17.93
C VAL A 275 -20.15 -2.81 16.40
N THR A 276 -21.36 -2.67 15.82
CA THR A 276 -21.53 -2.42 14.36
C THR A 276 -21.09 -1.01 13.95
N ILE A 277 -21.20 -0.05 14.89
CA ILE A 277 -20.64 1.30 14.70
C ILE A 277 -19.14 1.15 14.53
N GLY A 278 -18.53 0.41 15.45
CA GLY A 278 -17.10 0.09 15.45
C GLY A 278 -16.59 -0.54 14.18
N ILE A 279 -17.47 -1.35 13.58
CA ILE A 279 -17.24 -1.97 12.27
C ILE A 279 -17.31 -0.95 11.15
N LEU A 280 -18.28 -0.05 11.16
CA LEU A 280 -18.37 1.03 10.16
C LEU A 280 -17.14 1.97 10.20
N ILE A 281 -16.67 2.26 11.40
CA ILE A 281 -15.39 2.94 11.58
C ILE A 281 -14.18 2.17 10.99
N SER A 282 -14.16 0.85 11.12
CA SER A 282 -13.10 -0.02 10.55
C SER A 282 -13.11 0.06 9.02
N VAL A 283 -14.30 0.08 8.41
CA VAL A 283 -14.44 0.12 6.94
C VAL A 283 -14.13 1.51 6.37
N PHE A 284 -14.67 2.54 7.04
CA PHE A 284 -14.40 3.98 6.76
C PHE A 284 -12.92 4.29 6.79
N GLY A 285 -12.26 3.81 7.83
CA GLY A 285 -10.84 4.05 8.03
C GLY A 285 -10.00 3.32 7.01
N GLY A 286 -10.56 2.22 6.52
CA GLY A 286 -9.95 1.53 5.40
C GLY A 286 -9.90 2.35 4.13
N ILE A 287 -11.06 2.88 3.72
CA ILE A 287 -11.24 3.65 2.51
C ILE A 287 -10.29 4.83 2.59
N ASN A 288 -10.36 5.56 3.71
CA ASN A 288 -9.45 6.72 4.02
C ASN A 288 -7.97 6.36 3.92
N GLY A 289 -7.58 5.28 4.58
CA GLY A 289 -6.19 4.79 4.50
C GLY A 289 -5.73 4.26 3.14
N TYR A 290 -6.67 3.86 2.31
CA TYR A 290 -6.35 3.45 0.94
C TYR A 290 -6.15 4.65 0.07
N ILE A 291 -6.89 5.72 0.32
CA ILE A 291 -6.73 6.94 -0.43
C ILE A 291 -5.35 7.56 -0.12
N ILE A 292 -5.00 7.62 1.16
CA ILE A 292 -3.69 8.08 1.58
C ILE A 292 -2.53 7.40 0.78
N SER A 293 -2.57 6.08 0.77
CA SER A 293 -1.58 5.29 0.04
C SER A 293 -1.76 5.32 -1.47
N GLY A 294 -3.00 5.62 -1.90
CA GLY A 294 -3.41 5.63 -3.30
C GLY A 294 -2.78 6.73 -4.09
N LEU A 295 -3.00 7.95 -3.66
CA LEU A 295 -2.41 9.18 -4.24
C LEU A 295 -0.91 9.11 -4.65
N ARG A 296 -0.16 8.28 -3.93
CA ARG A 296 1.27 8.05 -4.09
C ARG A 296 1.65 7.47 -5.41
N VAL A 297 0.88 6.48 -5.86
CA VAL A 297 1.20 5.79 -7.11
C VAL A 297 1.10 6.60 -8.43
N PRO A 298 -0.06 7.16 -8.76
CA PRO A 298 -0.08 7.99 -9.98
C PRO A 298 0.95 9.12 -10.03
N TYR A 299 1.28 9.68 -8.87
CA TYR A 299 2.35 10.65 -8.78
C TYR A 299 3.72 10.04 -8.99
N ALA A 300 3.98 8.88 -8.41
CA ALA A 300 5.26 8.20 -8.65
C ALA A 300 5.41 7.85 -10.12
N LEU A 301 4.30 7.54 -10.81
CA LEU A 301 4.32 7.35 -12.26
C LEU A 301 4.63 8.68 -12.97
N ALA A 302 3.95 9.73 -12.55
CA ALA A 302 4.15 11.03 -13.11
C ALA A 302 5.60 11.60 -12.86
N THR A 303 6.26 11.10 -11.81
CA THR A 303 7.68 11.34 -11.49
C THR A 303 8.56 10.81 -12.59
N GLN A 304 8.22 9.69 -13.22
CA GLN A 304 8.88 9.31 -14.50
C GLN A 304 7.97 9.72 -15.69
N LYS A 305 8.35 9.32 -16.88
CA LYS A 305 7.51 9.53 -18.05
C LYS A 305 6.13 8.83 -18.02
N MET A 306 6.07 7.74 -17.27
CA MET A 306 4.99 6.74 -17.21
C MET A 306 3.54 7.10 -17.53
N LEU A 307 3.07 8.29 -17.19
CA LEU A 307 1.66 8.67 -17.48
C LEU A 307 1.52 9.72 -18.54
N PRO A 308 0.50 9.63 -19.39
CA PRO A 308 0.24 10.57 -20.42
C PRO A 308 0.08 12.03 -20.03
N PHE A 309 -0.50 12.34 -18.89
CA PHE A 309 -0.56 13.79 -18.49
C PHE A 309 0.39 14.12 -17.34
N SER A 310 1.60 13.61 -17.42
CA SER A 310 2.52 13.59 -16.30
C SER A 310 2.61 14.96 -15.61
N ASP A 311 2.56 16.04 -16.39
CA ASP A 311 2.57 17.44 -15.85
C ASP A 311 1.44 17.70 -14.85
N TRP A 312 0.23 17.29 -15.23
CA TRP A 312 -0.98 17.47 -14.42
C TRP A 312 -1.04 16.50 -13.25
N PHE A 313 -0.53 15.28 -13.47
CA PHE A 313 -0.55 14.21 -12.46
C PHE A 313 0.36 14.47 -11.28
N ALA A 314 1.55 14.99 -11.64
CA ALA A 314 2.62 15.34 -10.70
C ALA A 314 2.47 16.67 -9.97
N ARG A 315 1.48 17.48 -10.37
CA ARG A 315 1.16 18.76 -9.69
C ARG A 315 0.85 18.46 -8.29
N ILE A 316 1.69 18.92 -7.37
CA ILE A 316 1.34 18.83 -5.97
C ILE A 316 0.94 20.21 -5.44
N ASN A 317 -0.25 20.31 -4.84
CA ASN A 317 -0.85 21.61 -4.49
C ASN A 317 -0.09 22.18 -3.38
N PRO A 318 0.30 23.45 -3.53
CA PRO A 318 1.19 23.95 -2.52
C PRO A 318 0.53 24.11 -1.15
N LYS A 319 -0.80 24.10 -1.01
CA LYS A 319 -1.39 24.22 0.33
C LYS A 319 -1.40 22.88 1.09
N THR A 320 -1.54 21.77 0.38
CA THR A 320 -1.67 20.46 1.06
C THR A 320 -0.51 19.50 0.93
N ASN A 321 0.37 19.72 -0.02
CA ASN A 321 1.52 18.82 -0.28
C ASN A 321 1.17 17.42 -0.87
N LEU A 322 0.01 17.36 -1.53
CA LEU A 322 -0.50 16.14 -2.11
C LEU A 322 -0.88 16.27 -3.57
N PRO A 323 -0.66 15.21 -4.38
CA PRO A 323 -1.18 15.17 -5.75
C PRO A 323 -2.59 14.58 -5.74
N ILE A 324 -3.49 15.57 -5.69
CA ILE A 324 -4.94 15.45 -5.75
C ILE A 324 -5.38 15.00 -7.15
N ASN A 325 -4.64 15.40 -8.18
CA ASN A 325 -5.09 15.10 -9.52
C ASN A 325 -5.03 13.61 -9.83
N GLY A 326 -3.95 12.97 -9.38
CA GLY A 326 -3.86 11.52 -9.43
C GLY A 326 -5.05 10.77 -8.80
N GLY A 327 -5.49 11.27 -7.65
CA GLY A 327 -6.56 10.63 -6.90
C GLY A 327 -7.90 10.88 -7.53
N LEU A 328 -8.05 11.97 -8.29
CA LEU A 328 -9.29 12.26 -9.02
C LEU A 328 -9.58 11.25 -10.11
N VAL A 329 -8.55 10.81 -10.84
CA VAL A 329 -8.72 9.75 -11.84
C VAL A 329 -9.05 8.43 -11.13
N MET A 330 -8.36 8.16 -10.05
CA MET A 330 -8.65 7.01 -9.18
C MET A 330 -10.08 6.97 -8.58
N LEU A 331 -10.62 8.15 -8.25
CA LEU A 331 -11.96 8.28 -7.66
C LEU A 331 -13.01 7.92 -8.66
N GLY A 332 -12.84 8.47 -9.86
CA GLY A 332 -13.75 8.22 -10.94
C GLY A 332 -13.78 6.78 -11.40
N ILE A 333 -12.64 6.10 -11.44
CA ILE A 333 -12.59 4.69 -11.88
C ILE A 333 -13.02 3.77 -10.77
N ALA A 334 -13.00 4.25 -9.52
CA ALA A 334 -13.62 3.53 -8.38
C ALA A 334 -15.09 3.57 -8.52
N ILE A 335 -15.65 4.75 -8.87
CA ILE A 335 -17.11 4.98 -9.18
C ILE A 335 -17.64 4.09 -10.31
N VAL A 336 -16.91 3.97 -11.42
CA VAL A 336 -17.12 2.94 -12.46
C VAL A 336 -17.28 1.56 -11.80
N MET A 337 -16.34 1.19 -10.94
CA MET A 337 -16.39 -0.10 -10.27
C MET A 337 -17.48 -0.29 -9.23
N ILE A 338 -17.93 0.80 -8.59
CA ILE A 338 -18.98 0.65 -7.54
C ILE A 338 -20.30 0.41 -8.26
N LEU A 339 -20.46 1.06 -9.42
CA LEU A 339 -21.64 0.96 -10.24
C LEU A 339 -21.65 -0.32 -11.09
N THR A 340 -20.52 -0.93 -11.44
CA THR A 340 -20.51 -2.18 -12.24
C THR A 340 -20.40 -3.51 -11.45
N GLY A 341 -19.41 -3.67 -10.55
CA GLY A 341 -19.21 -4.93 -9.77
C GLY A 341 -19.86 -4.95 -8.40
N GLN A 342 -19.84 -6.12 -7.77
CA GLN A 342 -20.15 -6.18 -6.33
C GLN A 342 -18.94 -6.49 -5.49
N PHE A 343 -19.10 -6.30 -4.18
CA PHE A 343 -18.03 -6.39 -3.18
C PHE A 343 -17.10 -7.63 -3.28
N ASN A 344 -17.65 -8.81 -3.50
CA ASN A 344 -16.84 -10.04 -3.61
C ASN A 344 -16.19 -10.17 -4.98
N GLN A 345 -16.82 -9.59 -6.00
CA GLN A 345 -16.29 -9.59 -7.37
C GLN A 345 -15.02 -8.79 -7.40
N LEU A 346 -15.10 -7.68 -6.67
CA LEU A 346 -13.99 -6.74 -6.50
C LEU A 346 -12.88 -7.28 -5.58
N THR A 347 -13.19 -7.85 -4.41
CA THR A 347 -12.17 -8.48 -3.56
C THR A 347 -11.38 -9.55 -4.29
N ASP A 348 -12.06 -10.35 -5.10
CA ASP A 348 -11.41 -11.37 -5.92
C ASP A 348 -10.54 -10.75 -7.01
N LEU A 349 -10.96 -9.63 -7.60
CA LEU A 349 -10.10 -8.93 -8.60
C LEU A 349 -8.77 -8.62 -7.98
N ILE A 350 -8.87 -7.75 -6.97
CA ILE A 350 -7.76 -7.28 -6.13
C ILE A 350 -6.77 -8.38 -5.75
N VAL A 351 -7.23 -9.50 -5.23
CA VAL A 351 -6.31 -10.57 -4.88
C VAL A 351 -5.62 -11.17 -6.12
N PHE A 352 -6.41 -11.55 -7.12
CA PHE A 352 -5.90 -12.16 -8.36
C PHE A 352 -4.87 -11.28 -9.02
N VAL A 353 -5.17 -9.97 -9.08
CA VAL A 353 -4.31 -9.01 -9.80
C VAL A 353 -3.06 -8.68 -9.03
N ILE A 354 -3.16 -8.22 -7.80
CA ILE A 354 -1.94 -7.82 -7.06
C ILE A 354 -1.07 -9.07 -6.78
N TRP A 355 -1.70 -10.24 -6.63
CA TRP A 355 -0.92 -11.42 -6.36
C TRP A 355 -0.16 -11.93 -7.59
N PHE A 356 -0.55 -11.45 -8.77
CA PHE A 356 0.18 -11.67 -10.06
C PHE A 356 1.57 -11.02 -10.00
N PHE A 357 1.62 -9.84 -9.40
CA PHE A 357 2.84 -9.08 -9.29
C PHE A 357 3.61 -9.36 -8.07
N ILE A 358 2.89 -9.69 -7.01
CA ILE A 358 3.50 -10.06 -5.74
C ILE A 358 4.38 -11.29 -5.95
N THR A 359 3.93 -12.17 -6.81
CA THR A 359 4.66 -13.38 -7.08
C THR A 359 5.94 -13.08 -7.85
N LEU A 360 5.88 -12.17 -8.80
CA LEU A 360 7.06 -11.82 -9.54
C LEU A 360 8.13 -11.36 -8.56
N THR A 361 7.75 -10.57 -7.57
CA THR A 361 8.65 -10.07 -6.51
C THR A 361 9.28 -11.18 -5.62
N PHE A 362 8.56 -12.27 -5.38
CA PHE A 362 9.14 -13.41 -4.67
C PHE A 362 10.23 -14.06 -5.49
N ILE A 363 9.95 -14.30 -6.78
CA ILE A 363 10.90 -14.98 -7.68
C ILE A 363 12.10 -14.12 -7.87
N ALA A 364 11.83 -12.82 -7.86
CA ALA A 364 12.84 -11.80 -7.93
C ALA A 364 13.92 -11.92 -6.84
N VAL A 365 13.55 -12.31 -5.60
CA VAL A 365 14.53 -12.48 -4.51
C VAL A 365 15.53 -13.60 -4.83
N ILE A 366 14.99 -14.71 -5.40
CA ILE A 366 15.76 -15.89 -5.85
C ILE A 366 16.65 -15.55 -7.07
N ILE A 367 16.08 -14.81 -8.03
CA ILE A 367 16.80 -14.25 -9.20
C ILE A 367 18.04 -13.43 -8.76
N LEU A 368 17.79 -12.52 -7.83
CA LEU A 368 18.81 -11.62 -7.25
C LEU A 368 19.97 -12.36 -6.58
N ARG A 369 19.66 -13.52 -5.97
CA ARG A 369 20.64 -14.33 -5.24
C ARG A 369 21.69 -14.92 -6.16
N LYS A 370 21.30 -15.13 -7.43
CA LYS A 370 22.21 -15.51 -8.51
C LYS A 370 22.67 -14.34 -9.36
N THR A 371 21.81 -13.36 -9.69
CA THR A 371 22.25 -12.14 -10.46
C THR A 371 23.39 -11.41 -9.72
N GLN A 372 23.09 -11.00 -8.48
CA GLN A 372 24.00 -10.25 -7.67
C GLN A 372 24.07 -10.83 -6.28
N PRO A 373 24.92 -11.85 -6.07
CA PRO A 373 25.09 -12.42 -4.73
C PRO A 373 25.93 -11.54 -3.83
N ASP A 374 26.64 -10.57 -4.44
CA ASP A 374 27.51 -9.63 -3.73
C ASP A 374 26.89 -8.26 -3.37
N ILE A 375 25.71 -7.95 -3.90
CA ILE A 375 24.89 -6.76 -3.50
C ILE A 375 24.68 -6.75 -1.96
N GLU A 376 24.67 -5.58 -1.34
CA GLU A 376 24.46 -5.57 0.12
C GLU A 376 23.03 -5.99 0.52
N ARG A 377 22.97 -7.06 1.32
CA ARG A 377 21.76 -7.61 1.92
C ARG A 377 21.76 -7.37 3.43
N PRO A 378 21.10 -6.28 3.91
CA PRO A 378 21.04 -6.01 5.35
C PRO A 378 20.26 -7.08 6.10
N TYR A 379 19.28 -7.63 5.40
CA TYR A 379 18.47 -8.73 5.88
C TYR A 379 18.39 -9.75 4.77
N ARG A 380 18.39 -11.02 5.18
CA ARG A 380 18.40 -12.20 4.33
C ARG A 380 17.30 -13.16 4.85
N VAL A 381 16.49 -13.69 3.90
CA VAL A 381 15.30 -14.57 4.15
C VAL A 381 15.74 -15.82 4.86
N PRO A 382 15.12 -16.13 6.02
CA PRO A 382 15.60 -17.31 6.75
C PRO A 382 15.11 -18.63 6.11
N PHE A 383 15.95 -19.68 6.17
CA PHE A 383 15.66 -21.01 5.56
C PHE A 383 15.58 -20.82 4.07
N TYR A 384 16.71 -20.37 3.51
CA TYR A 384 16.71 -19.53 2.28
C TYR A 384 15.78 -20.00 1.15
N PRO A 385 15.92 -21.27 0.68
CA PRO A 385 15.14 -21.56 -0.54
C PRO A 385 13.69 -21.83 -0.21
N VAL A 386 13.46 -22.49 0.91
CA VAL A 386 12.17 -23.06 1.31
C VAL A 386 11.04 -22.03 1.31
N ILE A 387 11.15 -21.03 2.15
CA ILE A 387 10.03 -20.12 2.40
C ILE A 387 9.62 -19.22 1.19
N PRO A 388 10.56 -18.71 0.42
CA PRO A 388 10.14 -17.97 -0.80
C PRO A 388 9.43 -18.79 -1.85
N LEU A 389 9.84 -20.04 -1.86
CA LEU A 389 9.23 -21.03 -2.68
C LEU A 389 7.81 -21.39 -2.19
N ILE A 390 7.61 -21.41 -0.88
CA ILE A 390 6.25 -21.62 -0.31
C ILE A 390 5.33 -20.51 -0.81
N ALA A 391 5.84 -19.30 -0.72
CA ALA A 391 5.09 -18.11 -1.04
C ALA A 391 4.68 -18.09 -2.50
N ILE A 392 5.57 -18.64 -3.32
CA ILE A 392 5.38 -18.69 -4.75
C ILE A 392 4.51 -19.90 -5.15
N ILE A 393 4.61 -21.00 -4.39
CA ILE A 393 3.79 -22.20 -4.59
C ILE A 393 2.33 -21.83 -4.39
N GLY A 394 2.03 -21.11 -3.32
CA GLY A 394 0.65 -20.72 -3.09
C GLY A 394 0.31 -19.52 -3.91
N GLY A 395 1.32 -18.77 -4.28
CA GLY A 395 1.09 -17.66 -5.20
C GLY A 395 0.67 -18.09 -6.58
N LEU A 396 1.26 -19.17 -7.03
CA LEU A 396 0.90 -19.73 -8.30
C LEU A 396 -0.50 -20.33 -8.19
N TYR A 397 -0.80 -20.91 -7.05
CA TYR A 397 -2.09 -21.58 -6.82
C TYR A 397 -3.26 -20.64 -6.99
N ILE A 398 -3.14 -19.44 -6.43
CA ILE A 398 -4.25 -18.47 -6.43
C ILE A 398 -4.50 -17.95 -7.84
N ILE A 399 -3.44 -17.57 -8.55
CA ILE A 399 -3.64 -17.07 -9.91
C ILE A 399 -4.21 -18.16 -10.83
N PHE A 400 -3.70 -19.39 -10.75
CA PHE A 400 -4.18 -20.52 -11.60
C PHE A 400 -5.62 -20.87 -11.28
N ASN A 401 -6.01 -20.84 -10.01
CA ASN A 401 -7.37 -21.17 -9.60
C ASN A 401 -8.37 -20.08 -10.00
N THR A 402 -8.07 -18.81 -9.79
CA THR A 402 -9.06 -17.78 -10.10
C THR A 402 -9.30 -17.68 -11.57
N LEU A 403 -8.31 -18.01 -12.40
CA LEU A 403 -8.49 -18.04 -13.86
C LEU A 403 -9.52 -19.06 -14.24
N ILE A 404 -9.32 -20.22 -13.66
CA ILE A 404 -10.11 -21.38 -14.02
C ILE A 404 -11.44 -21.39 -13.25
N VAL A 405 -11.61 -20.57 -12.22
CA VAL A 405 -12.88 -20.48 -11.48
C VAL A 405 -13.69 -19.27 -11.99
N GLN A 406 -13.02 -18.14 -12.13
CA GLN A 406 -13.64 -16.90 -12.56
C GLN A 406 -12.95 -16.46 -13.85
N PRO A 407 -13.34 -17.04 -15.00
CA PRO A 407 -12.71 -16.61 -16.24
C PRO A 407 -12.98 -15.13 -16.61
N LYS A 408 -14.18 -14.64 -16.32
CA LYS A 408 -14.63 -13.28 -16.61
C LYS A 408 -13.98 -12.27 -15.66
N ASN A 409 -13.88 -12.57 -14.37
CA ASN A 409 -13.31 -11.63 -13.41
C ASN A 409 -11.77 -11.54 -13.60
N ALA A 410 -11.12 -12.68 -13.88
CA ALA A 410 -9.67 -12.74 -14.19
C ALA A 410 -9.33 -12.03 -15.45
N PHE A 411 -10.24 -12.03 -16.42
CA PHE A 411 -10.02 -11.33 -17.69
C PHE A 411 -10.05 -9.81 -17.54
N ILE A 412 -10.83 -9.27 -16.60
CA ILE A 412 -10.84 -7.81 -16.36
C ILE A 412 -9.46 -7.34 -15.76
N GLY A 413 -8.84 -8.19 -14.96
CA GLY A 413 -7.48 -7.96 -14.46
C GLY A 413 -6.38 -8.07 -15.49
N ILE A 414 -6.46 -9.12 -16.30
CA ILE A 414 -5.58 -9.32 -17.49
C ILE A 414 -5.75 -8.15 -18.51
N LEU A 415 -7.01 -7.77 -18.79
CA LEU A 415 -7.36 -6.70 -19.74
C LEU A 415 -6.86 -5.32 -19.31
N LEU A 416 -7.27 -4.87 -18.13
CA LEU A 416 -6.92 -3.52 -17.65
C LEU A 416 -5.38 -3.29 -17.43
N THR A 417 -4.65 -4.36 -17.03
CA THR A 417 -3.17 -4.33 -16.90
C THR A 417 -2.51 -4.17 -18.22
N LEU A 418 -2.92 -4.96 -19.21
CA LEU A 418 -2.33 -4.89 -20.57
C LEU A 418 -2.77 -3.67 -21.44
N ILE A 419 -3.90 -3.03 -21.11
CA ILE A 419 -4.28 -1.69 -21.66
C ILE A 419 -3.19 -0.61 -21.42
N GLY A 420 -2.40 -0.78 -20.37
CA GLY A 420 -1.25 0.07 -20.07
C GLY A 420 -0.04 -0.12 -20.99
N ILE A 421 0.01 -1.18 -21.79
CA ILE A 421 1.16 -1.41 -22.66
C ILE A 421 1.17 -0.38 -23.81
N PRO A 422 0.02 -0.15 -24.50
CA PRO A 422 -0.06 0.99 -25.43
C PRO A 422 0.20 2.36 -24.77
N ILE A 423 -0.26 2.51 -23.54
CA ILE A 423 -0.05 3.73 -22.73
C ILE A 423 1.47 3.96 -22.47
N TYR A 424 2.19 2.86 -22.19
CA TYR A 424 3.62 2.87 -21.84
C TYR A 424 4.49 3.34 -23.01
N PHE A 425 4.22 2.80 -24.22
CA PHE A 425 5.03 3.18 -25.41
C PHE A 425 4.63 4.55 -26.02
N TYR A 426 3.42 5.04 -25.70
CA TYR A 426 3.02 6.44 -26.03
C TYR A 426 3.79 7.43 -25.15
N CYS A 427 3.76 7.19 -23.85
CA CYS A 427 4.32 8.11 -22.85
C CYS A 427 5.82 7.98 -22.71
N LYS A 428 6.43 6.89 -23.19
CA LYS A 428 7.90 6.82 -23.25
C LYS A 428 8.48 7.60 -24.46
N LYS A 429 7.67 7.80 -25.53
CA LYS A 429 8.07 8.62 -26.69
C LYS A 429 7.68 10.10 -26.49
N LYS A 430 6.43 10.38 -26.10
CA LYS A 430 5.99 11.77 -25.86
C LYS A 430 6.33 12.40 -24.46
N TYR A 431 6.62 11.56 -23.45
CA TYR A 431 7.10 11.97 -22.06
C TYR A 431 6.06 12.57 -21.07
N GLY A 432 4.79 12.56 -21.45
CA GLY A 432 3.76 13.31 -20.73
C GLY A 432 3.18 14.49 -21.51
N SER A 433 2.31 15.27 -20.84
CA SER A 433 1.64 16.42 -21.45
C SER A 433 1.09 17.42 -20.41
N GLN B 1 13.76 19.72 15.47
CA GLN B 1 15.04 19.11 15.81
C GLN B 1 16.02 18.94 14.60
N VAL B 2 15.53 18.84 13.37
CA VAL B 2 16.46 18.80 12.20
C VAL B 2 16.40 20.08 11.37
N GLN B 3 17.36 21.01 11.61
CA GLN B 3 17.57 22.24 10.84
C GLN B 3 18.43 21.88 9.63
N LEU B 4 18.12 22.55 8.52
CA LEU B 4 18.78 22.33 7.24
C LEU B 4 19.09 23.67 6.54
N VAL B 5 20.31 23.77 6.00
CA VAL B 5 20.74 24.95 5.25
C VAL B 5 21.29 24.44 3.96
N GLU B 6 20.81 24.97 2.86
CA GLU B 6 21.36 24.66 1.54
C GLU B 6 22.43 25.64 1.11
N SER B 7 23.43 25.18 0.37
CA SER B 7 24.49 26.07 -0.20
C SER B 7 24.67 25.65 -1.65
N GLY B 8 25.36 26.51 -2.41
CA GLY B 8 25.80 26.17 -3.77
C GLY B 8 24.99 26.65 -4.96
N GLY B 9 23.88 27.36 -4.72
CA GLY B 9 23.03 27.83 -5.80
C GLY B 9 23.65 29.03 -6.48
N GLY B 10 23.05 29.49 -7.57
CA GLY B 10 23.39 30.78 -8.14
C GLY B 10 23.13 30.87 -9.63
N VAL B 11 23.74 31.88 -10.30
CA VAL B 11 23.55 32.08 -11.72
C VAL B 11 24.61 31.25 -12.45
N VAL B 12 24.11 30.43 -13.38
CA VAL B 12 24.94 29.65 -14.27
C VAL B 12 24.52 29.75 -15.71
N GLN B 13 25.49 29.38 -16.52
CA GLN B 13 25.38 29.20 -17.90
C GLN B 13 24.67 27.87 -18.19
N ALA B 14 24.00 27.84 -19.34
CA ALA B 14 23.37 26.65 -19.86
C ALA B 14 24.50 25.71 -20.27
N GLY B 15 24.35 24.46 -19.87
CA GLY B 15 25.35 23.44 -20.09
C GLY B 15 26.37 23.39 -18.99
N GLY B 16 26.34 24.36 -18.07
CA GLY B 16 27.28 24.44 -16.95
C GLY B 16 26.87 23.49 -15.84
N SER B 17 27.57 23.61 -14.71
CA SER B 17 27.50 22.68 -13.60
C SER B 17 27.41 23.38 -12.28
N LEU B 18 26.99 22.67 -11.25
CA LEU B 18 26.60 23.27 -9.99
C LEU B 18 26.48 22.18 -8.93
N ARG B 19 27.10 22.37 -7.79
CA ARG B 19 27.03 21.44 -6.69
C ARG B 19 26.27 22.09 -5.49
N LEU B 20 25.03 21.65 -5.32
CA LEU B 20 24.25 22.04 -4.19
C LEU B 20 24.67 21.15 -3.02
N SER B 21 24.74 21.72 -1.84
CA SER B 21 25.01 20.95 -0.63
C SER B 21 24.05 21.40 0.47
N CYS B 22 23.63 20.48 1.35
CA CYS B 22 22.70 20.78 2.42
C CYS B 22 23.19 20.20 3.72
N ALA B 23 23.48 21.10 4.65
CA ALA B 23 24.03 20.74 5.95
C ALA B 23 22.87 20.52 6.82
N ALA B 24 23.02 19.56 7.73
CA ALA B 24 21.95 19.21 8.63
C ALA B 24 22.43 19.14 10.07
N SER B 25 21.43 19.19 10.91
CA SER B 25 21.61 19.35 12.32
C SER B 25 22.37 18.31 13.05
N GLY B 26 22.66 17.23 12.35
CA GLY B 26 23.48 16.14 12.90
C GLY B 26 22.58 15.32 13.81
N ARG B 27 23.16 14.61 14.79
CA ARG B 27 22.38 13.80 15.71
C ARG B 27 21.85 12.56 14.98
N THR B 28 20.85 12.74 14.10
CA THR B 28 20.05 11.69 13.44
C THR B 28 20.31 11.60 11.99
N PHE B 29 21.19 12.43 11.47
CA PHE B 29 21.24 12.52 10.05
C PHE B 29 21.55 11.12 9.43
N SER B 30 22.48 10.41 10.07
CA SER B 30 22.98 9.16 9.49
C SER B 30 21.91 8.11 9.43
N SER B 31 20.84 8.29 10.20
CA SER B 31 19.74 7.31 10.31
C SER B 31 18.51 7.82 9.61
N ARG B 32 18.72 8.75 8.69
CA ARG B 32 17.62 9.40 7.98
C ARG B 32 17.95 9.48 6.58
N ALA B 33 16.91 9.43 5.79
CA ALA B 33 17.00 9.47 4.35
C ALA B 33 16.77 10.89 3.97
N MET B 34 17.39 11.31 2.87
CA MET B 34 17.27 12.67 2.45
C MET B 34 16.71 12.77 1.08
N GLY B 35 16.20 13.97 0.79
CA GLY B 35 15.73 14.33 -0.54
C GLY B 35 16.07 15.75 -1.06
N TRP B 36 16.26 15.87 -2.38
CA TRP B 36 16.31 17.15 -3.07
C TRP B 36 15.00 17.41 -3.85
N PHE B 37 14.33 18.53 -3.60
CA PHE B 37 13.10 18.95 -4.29
C PHE B 37 13.27 20.34 -4.84
N ARG B 38 12.54 20.68 -5.88
CA ARG B 38 12.72 21.99 -6.46
C ARG B 38 11.44 22.70 -6.65
N GLN B 39 11.46 24.03 -6.60
CA GLN B 39 10.23 24.82 -6.77
C GLN B 39 10.40 25.99 -7.73
N ALA B 40 9.87 25.81 -8.95
CA ALA B 40 9.80 26.87 -9.97
C ALA B 40 8.85 27.98 -9.53
N PRO B 41 9.14 29.24 -9.97
CA PRO B 41 8.31 30.38 -9.60
C PRO B 41 6.81 30.16 -9.85
N GLY B 42 6.44 29.57 -11.00
CA GLY B 42 5.02 29.29 -11.32
C GLY B 42 4.39 27.94 -10.90
N GLU B 43 4.88 27.31 -9.82
CA GLU B 43 4.43 25.94 -9.49
C GLU B 43 4.64 25.57 -8.05
N GLY B 44 4.20 24.35 -7.73
CA GLY B 44 4.48 23.68 -6.45
C GLY B 44 5.75 22.83 -6.48
N ARG B 45 5.84 21.86 -5.58
CA ARG B 45 7.09 21.08 -5.41
C ARG B 45 7.30 20.09 -6.55
N GLU B 46 8.56 19.87 -6.91
CA GLU B 46 8.93 18.86 -7.90
C GLU B 46 10.04 17.99 -7.30
N PHE B 47 9.80 16.68 -7.34
CA PHE B 47 10.81 15.72 -6.90
C PHE B 47 12.06 15.79 -7.81
N VAL B 48 13.26 15.86 -7.22
CA VAL B 48 14.51 15.80 -7.98
C VAL B 48 15.25 14.53 -7.71
N ALA B 49 15.65 14.32 -6.48
CA ALA B 49 16.48 13.17 -6.12
C ALA B 49 16.22 12.78 -4.66
N THR B 50 16.53 11.53 -4.31
CA THR B 50 16.47 11.05 -2.94
C THR B 50 17.52 9.98 -2.74
N ILE B 51 17.77 9.70 -1.47
CA ILE B 51 18.87 8.85 -1.09
C ILE B 51 18.54 8.20 0.26
N SER B 52 18.99 6.94 0.37
CA SER B 52 18.87 6.10 1.55
C SER B 52 19.78 6.68 2.63
N TRP B 53 19.60 6.21 3.86
CA TRP B 53 20.46 6.62 5.00
C TRP B 53 21.95 6.37 4.74
N SER B 54 22.24 5.19 4.22
CA SER B 54 23.56 4.71 3.89
C SER B 54 24.06 5.22 2.54
N GLY B 55 23.15 5.53 1.62
CA GLY B 55 23.51 5.87 0.26
C GLY B 55 23.36 4.72 -0.71
N SER B 56 22.88 3.57 -0.23
CA SER B 56 22.74 2.39 -1.07
C SER B 56 21.72 2.59 -2.16
N TYR B 57 20.61 3.23 -1.81
CA TYR B 57 19.58 3.52 -2.78
C TYR B 57 19.48 5.00 -3.11
N THR B 58 19.48 5.32 -4.40
CA THR B 58 19.26 6.68 -4.92
C THR B 58 18.14 6.61 -6.02
N GLU B 59 17.50 7.75 -6.29
CA GLU B 59 16.42 7.77 -7.29
C GLU B 59 16.33 9.18 -7.75
N TYR B 60 16.29 9.38 -9.07
CA TYR B 60 16.15 10.72 -9.66
C TYR B 60 14.92 10.73 -10.58
N ALA B 61 14.31 11.90 -10.74
CA ALA B 61 13.17 12.10 -11.66
C ALA B 61 13.53 11.97 -13.14
N ASP B 62 12.51 11.85 -14.00
CA ASP B 62 12.76 11.72 -15.45
C ASP B 62 13.44 12.96 -16.02
N SER B 63 13.02 14.14 -15.60
CA SER B 63 13.53 15.38 -16.17
C SER B 63 15.03 15.73 -15.84
N VAL B 64 15.57 15.10 -14.77
CA VAL B 64 16.96 15.29 -14.30
C VAL B 64 17.89 14.07 -14.29
N LYS B 65 17.43 12.90 -14.73
CA LYS B 65 18.27 11.68 -14.65
C LYS B 65 19.41 11.74 -15.62
N GLY B 66 20.58 11.28 -15.17
CA GLY B 66 21.80 11.34 -15.94
C GLY B 66 22.58 12.65 -15.75
N ARG B 67 21.86 13.76 -15.67
CA ARG B 67 22.45 15.09 -15.49
C ARG B 67 22.82 15.40 -14.05
N VAL B 68 22.09 14.84 -13.10
CA VAL B 68 22.31 15.10 -11.71
C VAL B 68 22.72 13.84 -10.90
N THR B 69 23.39 14.06 -9.77
CA THR B 69 23.80 12.99 -8.85
C THR B 69 23.70 13.42 -7.40
N ILE B 70 23.06 12.58 -6.60
CA ILE B 70 22.84 12.84 -5.19
C ILE B 70 23.78 11.92 -4.39
N SER B 71 24.32 12.47 -3.32
CA SER B 71 25.29 11.78 -2.50
C SER B 71 25.17 12.35 -1.11
N ARG B 72 25.79 11.67 -0.16
CA ARG B 72 25.81 12.13 1.23
C ARG B 72 27.06 11.72 1.95
N ASP B 73 27.47 12.54 2.90
CA ASP B 73 28.56 12.21 3.75
C ASP B 73 28.00 12.20 5.14
N ASN B 74 27.70 11.01 5.65
CA ASN B 74 27.11 10.92 6.98
C ASN B 74 28.04 11.35 8.13
N ALA B 75 29.33 11.44 7.83
CA ALA B 75 30.26 11.95 8.80
C ALA B 75 30.20 13.45 8.89
N LYS B 76 29.98 14.08 7.74
CA LYS B 76 29.87 15.55 7.64
C LYS B 76 28.38 16.02 7.83
N ASN B 77 27.46 15.07 7.90
CA ASN B 77 26.02 15.32 7.95
C ASN B 77 25.58 16.30 6.86
N THR B 78 25.89 15.95 5.63
CA THR B 78 25.55 16.75 4.48
C THR B 78 25.08 15.88 3.34
N VAL B 79 24.13 16.42 2.58
CA VAL B 79 23.72 15.79 1.35
C VAL B 79 24.00 16.71 0.13
N TYR B 80 24.68 16.16 -0.88
CA TYR B 80 25.05 16.89 -2.06
C TYR B 80 24.20 16.54 -3.28
N LEU B 81 24.05 17.51 -4.19
CA LEU B 81 23.36 17.35 -5.47
C LEU B 81 24.19 18.00 -6.62
N GLN B 82 24.98 17.13 -7.27
CA GLN B 82 25.84 17.51 -8.37
C GLN B 82 25.04 17.57 -9.68
N MET B 83 24.65 18.77 -10.06
CA MET B 83 23.97 19.06 -11.32
C MET B 83 25.02 19.44 -12.39
N ASN B 84 24.82 18.90 -13.60
CA ASN B 84 25.70 19.10 -14.77
C ASN B 84 24.83 19.26 -15.95
N SER B 85 25.44 19.78 -17.00
CA SER B 85 24.78 20.12 -18.25
C SER B 85 23.39 20.66 -17.99
N LEU B 86 23.36 21.77 -17.27
CA LEU B 86 22.13 22.38 -16.86
C LEU B 86 21.40 22.93 -18.05
N LYS B 87 20.13 23.21 -17.82
CA LYS B 87 19.24 23.72 -18.83
C LYS B 87 18.52 24.88 -18.18
N PRO B 88 18.09 25.86 -18.99
CA PRO B 88 17.20 26.88 -18.45
C PRO B 88 15.92 26.38 -17.71
N GLY B 89 15.48 25.15 -17.96
CA GLY B 89 14.38 24.58 -17.23
C GLY B 89 14.65 24.01 -15.85
N ASP B 90 15.92 24.06 -15.42
CA ASP B 90 16.28 23.73 -14.03
C ASP B 90 16.05 24.89 -13.07
N THR B 91 15.86 26.09 -13.61
CA THR B 91 15.71 27.32 -12.83
C THR B 91 14.59 27.22 -11.79
N ALA B 92 15.00 27.10 -10.52
CA ALA B 92 14.12 26.89 -9.40
C ALA B 92 14.85 27.06 -8.09
N VAL B 93 14.11 27.19 -6.99
CA VAL B 93 14.63 27.16 -5.62
C VAL B 93 14.76 25.70 -5.23
N TYR B 94 15.97 25.21 -5.04
CA TYR B 94 16.19 23.81 -4.70
C TYR B 94 16.18 23.66 -3.19
N HIS B 95 15.18 22.93 -2.68
CA HIS B 95 15.04 22.70 -1.26
C HIS B 95 15.57 21.33 -0.96
N CYS B 96 16.06 21.20 0.25
CA CYS B 96 16.60 19.97 0.76
C CYS B 96 15.65 19.53 1.88
N ALA B 97 15.41 18.22 2.00
CA ALA B 97 14.38 17.69 2.92
C ALA B 97 14.79 16.41 3.60
N ALA B 98 14.42 16.32 4.86
CA ALA B 98 14.70 15.12 5.61
C ALA B 98 13.41 14.48 6.09
N LYS B 99 13.43 13.15 6.15
CA LYS B 99 12.24 12.39 6.60
C LYS B 99 12.67 11.49 7.70
N ASN B 100 11.68 10.86 8.33
CA ASN B 100 12.03 9.80 9.27
C ASN B 100 12.30 8.47 8.54
N GLY B 101 13.32 7.74 8.98
CA GLY B 101 13.62 6.42 8.49
C GLY B 101 14.57 6.43 7.34
N GLY B 102 15.17 5.27 7.09
CA GLY B 102 16.28 5.21 6.19
C GLY B 102 15.93 4.91 4.75
N ALA B 103 14.64 4.92 4.45
CA ALA B 103 14.24 4.60 3.09
C ALA B 103 14.01 5.87 2.34
N ALA B 104 14.61 5.94 1.17
CA ALA B 104 14.35 6.96 0.24
C ALA B 104 12.88 7.14 -0.16
N SER B 105 12.60 8.30 -0.79
CA SER B 105 11.26 8.70 -1.17
C SER B 105 11.17 9.87 -2.17
N ASN B 106 10.36 9.61 -3.17
CA ASN B 106 9.96 10.54 -4.18
C ASN B 106 8.69 11.33 -3.76
N TYR B 107 8.09 10.93 -2.66
CA TYR B 107 6.82 11.51 -2.19
C TYR B 107 7.12 12.65 -1.21
N PRO B 108 6.76 13.90 -1.58
CA PRO B 108 7.19 15.03 -0.75
C PRO B 108 6.55 15.02 0.60
N ASN B 109 5.33 14.49 0.67
CA ASN B 109 4.68 14.55 1.94
C ASN B 109 5.30 13.64 3.06
N ASP B 110 6.03 12.59 2.65
CA ASP B 110 6.91 11.80 3.59
C ASP B 110 7.91 12.63 4.46
N TYR B 111 8.42 13.71 3.86
CA TYR B 111 9.45 14.52 4.42
C TYR B 111 8.84 15.54 5.36
N VAL B 112 9.48 15.64 6.53
CA VAL B 112 9.01 16.50 7.63
C VAL B 112 9.85 17.70 7.88
N TYR B 113 11.13 17.59 7.63
CA TYR B 113 12.00 18.69 7.80
C TYR B 113 12.36 19.16 6.40
N TRP B 114 12.27 20.49 6.23
CA TRP B 114 12.51 21.17 4.96
C TRP B 114 13.41 22.39 5.14
N GLY B 115 14.31 22.50 4.16
CA GLY B 115 15.23 23.62 4.08
C GLY B 115 14.52 24.82 3.48
N GLN B 116 15.13 25.99 3.64
CA GLN B 116 14.53 27.21 3.15
C GLN B 116 14.67 27.32 1.69
N GLY B 117 15.69 26.63 1.17
CA GLY B 117 15.93 26.49 -0.25
C GLY B 117 17.02 27.43 -0.73
N THR B 118 17.69 27.04 -1.84
CA THR B 118 18.72 27.85 -2.43
C THR B 118 18.39 28.06 -3.88
N GLN B 119 18.37 29.31 -4.28
CA GLN B 119 18.14 29.73 -5.67
C GLN B 119 19.19 29.26 -6.69
N VAL B 120 18.70 28.63 -7.78
CA VAL B 120 19.49 28.28 -8.95
C VAL B 120 18.87 28.92 -10.21
N THR B 121 19.64 29.70 -10.95
CA THR B 121 19.16 30.33 -12.18
C THR B 121 20.06 29.95 -13.38
N VAL B 122 19.46 29.28 -14.35
CA VAL B 122 20.17 28.78 -15.50
C VAL B 122 19.58 29.45 -16.73
N SER B 123 20.50 29.84 -17.64
CA SER B 123 20.24 30.86 -18.63
C SER B 123 21.32 30.81 -19.65
N SER B 124 21.06 31.19 -20.91
CA SER B 124 22.15 31.53 -21.87
C SER B 124 22.64 33.00 -21.94
N HIS B 125 21.93 33.88 -21.25
CA HIS B 125 22.26 35.32 -21.15
C HIS B 125 21.39 35.90 -20.04
N HIS B 126 21.95 36.66 -19.08
CA HIS B 126 21.11 37.23 -18.02
C HIS B 126 21.37 38.75 -17.80
N HIS B 127 20.42 39.45 -17.17
CA HIS B 127 20.42 40.90 -16.91
C HIS B 127 20.31 41.22 -15.39
N HIS B 128 21.26 41.95 -14.79
CA HIS B 128 21.17 42.49 -13.38
C HIS B 128 22.57 43.00 -12.95
N HIS B 129 22.89 42.87 -11.66
CA HIS B 129 24.19 43.23 -11.03
C HIS B 129 24.91 44.51 -11.53
N HIS B 130 24.53 45.62 -10.89
CA HIS B 130 24.95 46.99 -11.19
C HIS B 130 26.34 47.27 -10.50
N GLU B 131 26.57 48.44 -9.91
CA GLU B 131 27.84 48.73 -9.21
C GLU B 131 27.84 48.15 -7.80
ZN ZN C . 20.72 41.59 -23.08
#